data_7BRZ
#
_entry.id   7BRZ
#
_cell.length_a   54.920
_cell.length_b   58.590
_cell.length_c   67.640
_cell.angle_alpha   90.000
_cell.angle_beta   90.000
_cell.angle_gamma   90.000
#
_symmetry.space_group_name_H-M   'P 21 21 21'
#
loop_
_entity.id
_entity.type
_entity.pdbx_description
1 polymer 'Cationic trypsin'
2 non-polymer 'CALCIUM ION'
3 non-polymer 2-(2-methyl-1H-indol-3-yl)ethanamine
4 non-polymer 'SULFATE ION'
5 water water
#
_entity_poly.entity_id   1
_entity_poly.type   'polypeptide(L)'
_entity_poly.pdbx_seq_one_letter_code
;IVGGYTCGANTVPYQVSLNSGYHFCGGSLINSQWVVSAAHCYKSGIQVRLGEDNINVVEGNEQFISASKSIVHPSYNSNT
LNNDIMLIKLKSAASLNSRVASISLPTSCASAGTQCLISGWGNTKSSGTSYPDVLKCLKAPILSDSSCKSAYPGQITSNM
FCAGYLEGGKDSCQGDSGGPVVCSGKLQGIVSWGSGCAQKNKPGVYTKVCNYVSWIKQTIASN
;
_entity_poly.pdbx_strand_id   A
#
loop_
_chem_comp.id
_chem_comp.type
_chem_comp.name
_chem_comp.formula
CA non-polymer 'CALCIUM ION' 'Ca 2'
F66 non-polymer 2-(2-methyl-1H-indol-3-yl)ethanamine 'C11 H14 N2'
SO4 non-polymer 'SULFATE ION' 'O4 S -2'
#
# COMPACT_ATOMS: atom_id res chain seq x y z
N ILE A 1 3.61 10.44 -2.05
CA ILE A 1 3.81 10.25 -3.48
C ILE A 1 4.51 11.47 -4.01
N VAL A 2 5.68 11.25 -4.62
CA VAL A 2 6.43 12.32 -5.29
C VAL A 2 6.15 12.27 -6.78
N GLY A 3 5.81 13.43 -7.36
CA GLY A 3 5.63 13.50 -8.79
C GLY A 3 4.34 12.91 -9.30
N GLY A 4 3.32 12.79 -8.45
CA GLY A 4 2.04 12.27 -8.84
C GLY A 4 1.03 13.35 -9.11
N TYR A 5 -0.24 12.98 -9.01
CA TYR A 5 -1.35 13.87 -9.27
C TYR A 5 -2.40 13.65 -8.20
N THR A 6 -3.28 14.64 -8.02
CA THR A 6 -4.37 14.50 -7.06
C THR A 6 -5.40 13.52 -7.61
N CYS A 7 -5.67 12.43 -6.88
CA CYS A 7 -6.52 11.37 -7.42
C CYS A 7 -7.92 11.88 -7.75
N GLY A 8 -8.47 12.71 -6.87
CA GLY A 8 -9.88 13.02 -6.88
C GLY A 8 -10.58 12.27 -5.77
N ALA A 9 -11.54 12.92 -5.11
CA ALA A 9 -12.16 12.32 -3.94
C ALA A 9 -12.83 10.99 -4.28
N ASN A 10 -12.46 9.96 -3.53
CA ASN A 10 -13.09 8.64 -3.56
C ASN A 10 -12.96 7.93 -4.90
N THR A 11 -11.96 8.29 -5.69
CA THR A 11 -11.71 7.58 -6.93
C THR A 11 -10.86 6.34 -6.73
N VAL A 12 -10.34 6.13 -5.52
CA VAL A 12 -9.56 4.95 -5.18
C VAL A 12 -10.26 4.33 -3.97
N PRO A 13 -11.39 3.66 -4.18
CA PRO A 13 -12.30 3.38 -3.06
C PRO A 13 -11.82 2.30 -2.11
N TYR A 14 -10.78 1.55 -2.49
CA TYR A 14 -10.19 0.53 -1.65
C TYR A 14 -9.07 1.07 -0.76
N GLN A 15 -8.65 2.33 -0.95
CA GLN A 15 -7.56 2.89 -0.16
C GLN A 15 -8.03 3.19 1.24
N VAL A 16 -7.27 2.72 2.23
CA VAL A 16 -7.55 3.06 3.62
C VAL A 16 -6.39 3.83 4.22
N SER A 17 -6.70 4.59 5.26
CA SER A 17 -5.72 5.24 6.11
C SER A 17 -5.74 4.54 7.47
N LEU A 18 -4.57 4.17 7.95
CA LEU A 18 -4.43 3.62 9.30
C LEU A 18 -4.06 4.77 10.23
N ASN A 19 -4.83 4.91 11.31
CA ASN A 19 -4.75 6.08 12.16
C ASN A 19 -4.52 5.63 13.59
N SER A 20 -3.51 6.20 14.23
CA SER A 20 -3.25 5.97 15.66
C SER A 20 -3.18 7.31 16.38
N GLY A 21 -4.16 8.17 16.12
CA GLY A 21 -4.12 9.56 16.52
C GLY A 21 -3.69 10.48 15.40
N TYR A 22 -3.22 9.91 14.30
CA TYR A 22 -2.69 10.58 13.13
C TYR A 22 -2.55 9.50 12.07
N HIS A 23 -2.54 9.91 10.80
CA HIS A 23 -2.29 8.97 9.72
C HIS A 23 -0.85 8.50 9.80
N PHE A 24 -0.63 7.19 9.74
CA PHE A 24 0.75 6.70 9.71
C PHE A 24 1.04 5.67 8.62
N CYS A 25 0.03 5.07 7.98
CA CYS A 25 0.25 4.09 6.93
C CYS A 25 -1.01 4.01 6.11
N GLY A 26 -0.86 3.53 4.88
CA GLY A 26 -1.98 3.15 4.05
C GLY A 26 -2.26 1.67 4.18
N GLY A 27 -3.28 1.25 3.43
CA GLY A 27 -3.68 -0.15 3.38
C GLY A 27 -4.74 -0.28 2.30
N SER A 28 -5.19 -1.51 2.10
CA SER A 28 -6.16 -1.84 1.06
C SER A 28 -7.26 -2.69 1.65
N LEU A 29 -8.50 -2.32 1.37
CA LEU A 29 -9.66 -3.13 1.80
C LEU A 29 -9.82 -4.29 0.83
N ILE A 30 -9.74 -5.52 1.33
CA ILE A 30 -9.87 -6.68 0.46
C ILE A 30 -11.21 -7.40 0.62
N ASN A 31 -11.95 -7.16 1.68
CA ASN A 31 -13.35 -7.54 1.79
C ASN A 31 -13.96 -6.66 2.86
N SER A 32 -15.22 -6.91 3.22
CA SER A 32 -15.89 -5.99 4.12
C SER A 32 -15.27 -5.95 5.51
N GLN A 33 -14.44 -6.93 5.88
CA GLN A 33 -13.93 -6.96 7.25
C GLN A 33 -12.42 -7.06 7.34
N TRP A 34 -11.69 -7.00 6.24
CA TRP A 34 -10.25 -7.23 6.28
C TRP A 34 -9.50 -6.23 5.42
N VAL A 35 -8.36 -5.78 5.95
CA VAL A 35 -7.45 -4.84 5.30
C VAL A 35 -6.08 -5.49 5.19
N VAL A 36 -5.39 -5.26 4.09
CA VAL A 36 -4.00 -5.69 3.95
C VAL A 36 -3.10 -4.47 3.96
N SER A 37 -1.98 -4.57 4.67
CA SER A 37 -1.02 -3.48 4.75
C SER A 37 0.37 -4.09 4.80
N ALA A 38 1.36 -3.27 5.14
CA ALA A 38 2.72 -3.74 5.28
C ALA A 38 2.97 -4.15 6.73
N ALA A 39 3.75 -5.22 6.92
CA ALA A 39 4.13 -5.61 8.28
C ALA A 39 4.89 -4.50 9.00
N HIS A 40 5.66 -3.67 8.28
CA HIS A 40 6.38 -2.60 8.97
C HIS A 40 5.46 -1.52 9.49
N CYS A 41 4.18 -1.57 9.16
CA CYS A 41 3.17 -0.68 9.71
C CYS A 41 2.57 -1.19 11.00
N TYR A 42 2.99 -2.35 11.50
CA TYR A 42 2.35 -2.90 12.69
C TYR A 42 2.47 -1.95 13.88
N LYS A 43 1.35 -1.76 14.57
CA LYS A 43 1.36 -1.22 15.92
C LYS A 43 0.02 -1.58 16.55
N SER A 44 -0.06 -1.34 17.86
CA SER A 44 -1.29 -1.56 18.60
C SER A 44 -2.18 -0.31 18.51
N GLY A 45 -3.48 -0.53 18.67
CA GLY A 45 -4.42 0.57 18.72
C GLY A 45 -4.66 1.27 17.40
N ILE A 46 -4.90 0.49 16.34
CA ILE A 46 -5.13 1.02 15.00
C ILE A 46 -6.63 1.27 14.81
N GLN A 47 -6.97 2.45 14.31
CA GLN A 47 -8.29 2.72 13.75
C GLN A 47 -8.16 2.78 12.24
N VAL A 48 -9.00 2.03 11.54
CA VAL A 48 -8.99 2.03 10.08
C VAL A 48 -9.97 3.08 9.58
N ARG A 49 -9.52 3.93 8.66
CA ARG A 49 -10.37 5.00 8.14
C ARG A 49 -10.62 4.76 6.66
N LEU A 50 -11.87 4.50 6.31
CA LEU A 50 -12.29 4.23 4.94
C LEU A 50 -13.01 5.44 4.38
N GLY A 51 -13.08 5.50 3.05
CA GLY A 51 -13.80 6.58 2.40
C GLY A 51 -13.17 7.93 2.55
N GLU A 52 -11.87 8.00 2.82
CA GLU A 52 -11.18 9.26 3.04
C GLU A 52 -10.73 9.89 1.73
N ASP A 53 -10.82 11.21 1.67
CA ASP A 53 -10.00 11.98 0.75
C ASP A 53 -9.10 12.91 1.55
N ASN A 54 -9.63 14.01 2.07
CA ASN A 54 -8.85 14.86 2.96
C ASN A 54 -8.86 14.23 4.34
N ILE A 55 -7.69 13.81 4.81
CA ILE A 55 -7.60 13.11 6.09
C ILE A 55 -7.73 14.04 7.29
N ASN A 56 -7.78 15.36 7.08
CA ASN A 56 -7.92 16.32 8.16
C ASN A 56 -9.30 16.95 8.24
N VAL A 57 -10.21 16.60 7.35
CA VAL A 57 -11.55 17.18 7.31
C VAL A 57 -12.55 16.06 7.16
N VAL A 58 -13.63 16.13 7.93
CA VAL A 58 -14.75 15.19 7.76
C VAL A 58 -15.59 15.68 6.58
N GLU A 59 -15.59 14.90 5.49
CA GLU A 59 -16.24 15.32 4.25
C GLU A 59 -17.55 14.60 4.01
N GLY A 60 -17.82 13.50 4.71
CA GLY A 60 -19.14 12.89 4.70
C GLY A 60 -19.20 11.46 4.21
N ASN A 61 -18.13 10.91 3.64
CA ASN A 61 -18.15 9.54 3.15
C ASN A 61 -17.30 8.61 3.99
N GLU A 62 -16.77 9.07 5.11
CA GLU A 62 -15.85 8.28 5.92
C GLU A 62 -16.58 7.20 6.71
N GLN A 63 -15.87 6.10 6.96
CA GLN A 63 -16.23 5.13 7.97
C GLN A 63 -14.99 4.88 8.81
N PHE A 64 -15.12 5.03 10.13
CA PHE A 64 -14.02 4.83 11.05
C PHE A 64 -14.33 3.56 11.85
N ILE A 65 -13.45 2.56 11.75
CA ILE A 65 -13.68 1.26 12.38
C ILE A 65 -12.39 0.80 13.04
N SER A 66 -12.46 0.44 14.31
N SER A 66 -12.46 0.44 14.31
N SER A 66 -12.46 0.43 14.31
CA SER A 66 -11.28 -0.02 15.02
CA SER A 66 -11.30 -0.03 15.04
CA SER A 66 -11.28 0.00 15.03
C SER A 66 -10.90 -1.43 14.59
C SER A 66 -10.89 -1.42 14.55
C SER A 66 -10.91 -1.43 14.63
N ALA A 67 -9.60 -1.70 14.64
CA ALA A 67 -9.10 -3.04 14.36
C ALA A 67 -9.34 -3.94 15.57
N SER A 68 -9.74 -5.18 15.32
CA SER A 68 -9.87 -6.15 16.40
C SER A 68 -8.69 -7.08 16.52
N LYS A 69 -7.98 -7.32 15.41
CA LYS A 69 -6.84 -8.23 15.43
C LYS A 69 -5.93 -7.84 14.28
N SER A 70 -4.63 -7.93 14.53
CA SER A 70 -3.64 -7.78 13.47
C SER A 70 -2.80 -9.05 13.40
N ILE A 71 -2.46 -9.46 12.18
CA ILE A 71 -1.70 -10.68 11.94
C ILE A 71 -0.55 -10.31 11.01
N VAL A 72 0.65 -10.22 11.56
CA VAL A 72 1.85 -10.03 10.75
C VAL A 72 2.26 -11.37 10.15
N HIS A 73 2.78 -11.34 8.92
CA HIS A 73 3.16 -12.58 8.27
C HIS A 73 4.12 -13.36 9.16
N PRO A 74 3.98 -14.69 9.24
CA PRO A 74 4.82 -15.46 10.16
C PRO A 74 6.31 -15.38 9.87
N SER A 75 6.71 -15.07 8.64
CA SER A 75 8.11 -15.02 8.26
C SER A 75 8.61 -13.61 8.00
N TYR A 76 7.87 -12.59 8.43
CA TYR A 76 8.35 -11.22 8.26
C TYR A 76 9.70 -11.04 8.94
N ASN A 77 10.64 -10.45 8.21
CA ASN A 77 11.98 -10.14 8.72
C ASN A 77 12.13 -8.62 8.66
N SER A 78 12.19 -7.98 9.81
CA SER A 78 12.23 -6.52 9.84
C SER A 78 13.58 -5.96 9.39
N ASN A 79 14.63 -6.77 9.35
CA ASN A 79 15.91 -6.24 8.88
C ASN A 79 15.98 -6.20 7.37
N THR A 80 15.47 -7.24 6.70
CA THR A 80 15.51 -7.30 5.24
C THR A 80 14.21 -6.88 4.59
N LEU A 81 13.12 -6.75 5.36
N LEU A 81 13.13 -6.76 5.37
CA LEU A 81 11.79 -6.47 4.86
CA LEU A 81 11.77 -6.48 4.91
C LEU A 81 11.24 -7.57 3.95
C LEU A 81 11.18 -7.59 4.04
N ASN A 82 11.80 -8.77 4.01
CA ASN A 82 11.20 -9.89 3.31
C ASN A 82 9.88 -10.25 4.00
N ASN A 83 8.85 -10.55 3.20
CA ASN A 83 7.52 -10.89 3.69
C ASN A 83 6.84 -9.72 4.42
N ASP A 84 6.93 -8.52 3.81
CA ASP A 84 6.43 -7.29 4.41
C ASP A 84 4.93 -7.17 4.12
N ILE A 85 4.14 -7.91 4.89
CA ILE A 85 2.69 -7.98 4.68
C ILE A 85 2.03 -8.31 6.01
N MET A 86 0.87 -7.72 6.23
CA MET A 86 0.10 -7.92 7.44
C MET A 86 -1.37 -7.79 7.12
N LEU A 87 -2.19 -8.53 7.86
CA LEU A 87 -3.64 -8.47 7.74
C LEU A 87 -4.23 -7.85 9.00
N ILE A 88 -5.26 -7.03 8.83
CA ILE A 88 -5.96 -6.38 9.93
C ILE A 88 -7.44 -6.70 9.79
N LYS A 89 -8.03 -7.27 10.83
CA LYS A 89 -9.46 -7.53 10.86
C LYS A 89 -10.17 -6.36 11.52
N LEU A 90 -11.26 -5.91 10.92
CA LEU A 90 -12.08 -4.84 11.48
C LEU A 90 -13.04 -5.38 12.53
N LYS A 91 -13.32 -4.55 13.54
CA LYS A 91 -14.24 -4.95 14.60
C LYS A 91 -15.64 -5.19 14.06
N SER A 92 -16.02 -4.46 13.02
CA SER A 92 -17.31 -4.68 12.36
C SER A 92 -17.12 -4.49 10.87
N ALA A 93 -18.04 -5.04 10.08
CA ALA A 93 -17.93 -4.99 8.64
C ALA A 93 -18.19 -3.58 8.12
N ALA A 94 -17.39 -3.15 7.16
CA ALA A 94 -17.64 -1.89 6.49
C ALA A 94 -18.89 -2.00 5.62
N SER A 95 -19.52 -0.85 5.38
CA SER A 95 -20.65 -0.74 4.47
C SER A 95 -20.10 -0.40 3.10
N LEU A 96 -20.21 -1.34 2.16
CA LEU A 96 -19.60 -1.17 0.86
C LEU A 96 -20.54 -0.41 -0.08
N ASN A 97 -19.97 0.52 -0.83
CA ASN A 97 -20.71 1.33 -1.79
C ASN A 97 -19.76 1.76 -2.91
N SER A 98 -20.17 2.73 -3.71
CA SER A 98 -19.34 3.16 -4.83
C SER A 98 -18.05 3.84 -4.38
N ARG A 99 -18.02 4.39 -3.17
CA ARG A 99 -16.87 5.13 -2.67
C ARG A 99 -16.05 4.36 -1.64
N VAL A 100 -16.56 3.24 -1.14
CA VAL A 100 -15.84 2.35 -0.24
C VAL A 100 -16.05 0.95 -0.79
N ALA A 101 -15.00 0.36 -1.33
CA ALA A 101 -15.13 -0.88 -2.07
C ALA A 101 -13.87 -1.68 -1.88
N SER A 102 -13.99 -3.00 -2.01
CA SER A 102 -12.83 -3.86 -1.88
C SER A 102 -12.12 -3.99 -3.22
N ILE A 103 -10.84 -4.35 -3.15
CA ILE A 103 -10.03 -4.62 -4.32
C ILE A 103 -9.78 -6.12 -4.38
N SER A 104 -9.85 -6.69 -5.58
CA SER A 104 -9.69 -8.12 -5.74
C SER A 104 -8.23 -8.53 -5.58
N LEU A 105 -8.03 -9.72 -5.02
CA LEU A 105 -6.71 -10.31 -4.99
C LEU A 105 -6.36 -10.88 -6.37
N PRO A 106 -5.09 -10.96 -6.71
CA PRO A 106 -4.69 -11.45 -8.03
C PRO A 106 -4.80 -12.97 -8.12
N THR A 107 -5.08 -13.43 -9.33
CA THR A 107 -5.01 -14.85 -9.63
C THR A 107 -3.68 -15.25 -10.26
N SER A 108 -2.94 -14.27 -10.79
CA SER A 108 -1.62 -14.50 -11.33
C SER A 108 -0.76 -13.29 -11.02
N CYS A 109 0.55 -13.48 -11.12
CA CYS A 109 1.49 -12.39 -10.90
C CYS A 109 1.59 -11.53 -12.16
N ALA A 110 1.74 -10.24 -11.96
CA ALA A 110 1.83 -9.31 -13.09
C ALA A 110 3.26 -9.30 -13.62
N SER A 111 3.38 -9.09 -14.93
CA SER A 111 4.67 -9.09 -15.59
C SER A 111 5.28 -7.69 -15.63
N ALA A 112 6.61 -7.66 -15.73
CA ALA A 112 7.28 -6.39 -15.98
C ALA A 112 6.67 -5.71 -17.19
N GLY A 113 6.57 -4.39 -17.12
CA GLY A 113 5.93 -3.61 -18.16
C GLY A 113 4.47 -3.28 -17.90
N THR A 114 3.83 -4.00 -16.98
CA THR A 114 2.45 -3.72 -16.64
C THR A 114 2.35 -2.37 -15.93
N GLN A 115 1.38 -1.55 -16.33
CA GLN A 115 1.17 -0.25 -15.70
C GLN A 115 0.29 -0.41 -14.48
N CYS A 116 0.66 0.27 -13.40
CA CYS A 116 -0.04 0.14 -12.13
C CYS A 116 -0.33 1.51 -11.55
N LEU A 117 -1.23 1.54 -10.56
CA LEU A 117 -1.62 2.76 -9.87
C LEU A 117 -1.21 2.63 -8.42
N ILE A 118 -0.43 3.58 -7.95
CA ILE A 118 0.05 3.63 -6.57
C ILE A 118 -0.55 4.88 -5.94
N SER A 119 -0.99 4.77 -4.70
CA SER A 119 -1.70 5.91 -4.10
C SER A 119 -1.34 6.04 -2.63
N GLY A 120 -1.47 7.24 -2.09
CA GLY A 120 -1.22 7.43 -0.68
C GLY A 120 -1.16 8.90 -0.29
N TRP A 121 -1.03 9.09 1.02
CA TRP A 121 -0.96 10.41 1.63
C TRP A 121 0.46 10.73 2.10
N GLY A 122 1.46 10.08 1.54
CA GLY A 122 2.83 10.29 1.93
C GLY A 122 3.43 11.58 1.41
N ASN A 123 4.67 11.80 1.82
CA ASN A 123 5.44 13.00 1.47
C ASN A 123 5.49 13.16 -0.04
N THR A 124 5.37 14.40 -0.50
CA THR A 124 5.39 14.71 -1.93
C THR A 124 6.72 15.28 -2.41
N LYS A 125 7.71 15.40 -1.54
CA LYS A 125 9.01 15.95 -1.90
C LYS A 125 10.11 14.91 -1.77
N SER A 126 11.06 14.93 -2.71
CA SER A 126 12.20 14.01 -2.64
C SER A 126 13.25 14.48 -1.65
N SER A 127 13.42 15.79 -1.50
CA SER A 127 14.20 16.38 -0.43
C SER A 127 13.31 17.36 0.32
N GLY A 128 13.45 17.42 1.64
CA GLY A 128 12.51 18.17 2.44
C GLY A 128 11.23 17.37 2.63
N THR A 129 10.23 18.03 3.21
CA THR A 129 8.98 17.36 3.56
C THR A 129 7.79 18.26 3.30
N SER A 130 6.78 17.72 2.65
CA SER A 130 5.48 18.37 2.50
C SER A 130 4.43 17.29 2.43
N TYR A 131 3.57 17.23 3.40
CA TYR A 131 2.59 16.16 3.43
C TYR A 131 1.24 16.69 2.97
N PRO A 132 0.63 16.02 2.00
CA PRO A 132 -0.65 16.47 1.48
C PRO A 132 -1.77 15.99 2.38
N ASP A 133 -2.86 16.72 2.33
CA ASP A 133 -4.03 16.28 3.06
C ASP A 133 -4.95 15.42 2.20
N VAL A 134 -4.88 15.52 0.87
CA VAL A 134 -5.73 14.75 -0.02
C VAL A 134 -4.91 13.65 -0.69
N LEU A 135 -5.62 12.64 -1.17
CA LEU A 135 -4.95 11.44 -1.68
C LEU A 135 -4.25 11.73 -3.00
N LYS A 136 -3.01 11.26 -3.13
N LYS A 136 -3.01 11.25 -3.13
N LYS A 136 -3.02 11.24 -3.14
CA LYS A 136 -2.22 11.41 -4.34
CA LYS A 136 -2.21 11.40 -4.33
CA LYS A 136 -2.22 11.42 -4.34
C LYS A 136 -2.08 10.07 -5.05
C LYS A 136 -2.13 10.07 -5.06
C LYS A 136 -1.99 10.09 -5.04
N CYS A 137 -1.91 10.14 -6.37
CA CYS A 137 -1.87 8.97 -7.23
C CYS A 137 -0.66 9.05 -8.15
N LEU A 138 -0.18 7.87 -8.55
CA LEU A 138 0.93 7.80 -9.49
C LEU A 138 0.77 6.57 -10.36
N LYS A 139 0.88 6.74 -11.67
CA LYS A 139 0.91 5.61 -12.57
C LYS A 139 2.36 5.25 -12.85
N ALA A 140 2.70 3.97 -12.67
CA ALA A 140 4.08 3.56 -12.82
C ALA A 140 4.12 2.12 -13.31
N PRO A 141 5.12 1.76 -14.11
CA PRO A 141 5.25 0.38 -14.56
C PRO A 141 6.04 -0.49 -13.59
N ILE A 142 5.72 -1.78 -13.64
CA ILE A 142 6.56 -2.78 -12.98
C ILE A 142 7.84 -2.93 -13.78
N LEU A 143 8.97 -2.90 -13.09
CA LEU A 143 10.28 -3.04 -13.72
C LEU A 143 10.69 -4.50 -13.76
N SER A 144 11.58 -4.82 -14.71
CA SER A 144 12.08 -6.18 -14.81
C SER A 144 12.84 -6.56 -13.55
N ASP A 145 12.84 -7.86 -13.24
CA ASP A 145 13.58 -8.33 -12.08
C ASP A 145 15.06 -8.01 -12.20
N SER A 146 15.60 -8.08 -13.42
CA SER A 146 17.03 -7.79 -13.60
C SER A 146 17.34 -6.33 -13.28
N SER A 147 16.49 -5.39 -13.74
CA SER A 147 16.74 -3.99 -13.43
C SER A 147 16.59 -3.73 -11.94
N CYS A 148 15.64 -4.42 -11.31
CA CYS A 148 15.42 -4.25 -9.88
C CYS A 148 16.61 -4.76 -9.08
N LYS A 149 17.10 -5.95 -9.41
CA LYS A 149 18.26 -6.49 -8.71
C LYS A 149 19.52 -5.68 -8.98
N SER A 150 19.62 -5.07 -10.17
CA SER A 150 20.77 -4.22 -10.45
C SER A 150 20.71 -2.92 -9.67
N ALA A 151 19.51 -2.42 -9.38
CA ALA A 151 19.37 -1.20 -8.59
C ALA A 151 19.66 -1.45 -7.12
N TYR A 152 19.36 -2.64 -6.61
CA TYR A 152 19.51 -2.97 -5.20
C TYR A 152 20.24 -4.29 -5.06
N PRO A 153 21.54 -4.32 -5.37
CA PRO A 153 22.28 -5.59 -5.31
C PRO A 153 22.16 -6.25 -3.94
N GLY A 154 21.87 -7.55 -3.97
CA GLY A 154 21.82 -8.36 -2.77
C GLY A 154 20.63 -8.13 -1.86
N GLN A 155 19.62 -7.37 -2.30
CA GLN A 155 18.53 -6.99 -1.40
C GLN A 155 17.15 -7.40 -1.89
N ILE A 156 17.00 -7.86 -3.12
CA ILE A 156 15.68 -8.14 -3.69
C ILE A 156 15.43 -9.64 -3.60
N THR A 157 14.39 -10.03 -2.88
CA THR A 157 14.00 -11.42 -2.81
C THR A 157 12.88 -11.70 -3.80
N SER A 158 12.51 -12.99 -3.92
CA SER A 158 11.43 -13.37 -4.81
C SER A 158 10.08 -12.82 -4.36
N ASN A 159 10.02 -12.21 -3.17
CA ASN A 159 8.78 -11.67 -2.64
C ASN A 159 8.68 -10.16 -2.84
N MET A 160 9.50 -9.59 -3.72
CA MET A 160 9.57 -8.16 -3.92
C MET A 160 9.60 -7.88 -5.41
N PHE A 161 9.07 -6.72 -5.80
CA PHE A 161 9.29 -6.22 -7.15
C PHE A 161 9.52 -4.72 -7.08
N CYS A 162 10.15 -4.20 -8.12
CA CYS A 162 10.36 -2.77 -8.24
C CYS A 162 9.34 -2.20 -9.21
N ALA A 163 8.87 -0.98 -8.92
CA ALA A 163 8.04 -0.27 -9.86
C ALA A 163 8.42 1.19 -9.81
N GLY A 164 8.26 1.87 -10.93
CA GLY A 164 8.62 3.27 -10.96
C GLY A 164 9.47 3.61 -12.15
N TYR A 165 10.43 4.51 -11.96
CA TYR A 165 11.18 5.12 -13.05
C TYR A 165 12.64 5.21 -12.65
N LEU A 166 13.51 4.59 -13.45
CA LEU A 166 14.94 4.64 -13.17
C LEU A 166 15.50 6.05 -13.25
N GLU A 167 14.86 6.94 -14.01
CA GLU A 167 15.32 8.33 -14.11
C GLU A 167 15.05 9.11 -12.83
N GLY A 168 14.21 8.61 -11.93
CA GLY A 168 13.84 9.35 -10.74
C GLY A 168 12.67 10.30 -11.00
N GLY A 169 12.33 11.04 -9.95
CA GLY A 169 11.33 12.08 -10.05
C GLY A 169 9.91 11.68 -9.69
N LYS A 170 9.59 10.38 -9.74
CA LYS A 170 8.25 9.90 -9.47
C LYS A 170 8.36 8.62 -8.66
N ASP A 171 7.74 8.58 -7.49
CA ASP A 171 7.93 7.45 -6.57
C ASP A 171 6.91 7.57 -5.44
N SER A 172 6.74 6.46 -4.73
CA SER A 172 6.12 6.53 -3.42
C SER A 172 7.14 7.07 -2.41
N CYS A 173 6.67 7.39 -1.21
CA CYS A 173 7.57 7.99 -0.23
C CYS A 173 7.05 7.73 1.19
N GLN A 174 7.70 8.35 2.17
CA GLN A 174 7.34 8.17 3.58
C GLN A 174 5.87 8.50 3.79
N GLY A 175 5.17 7.61 4.49
CA GLY A 175 3.76 7.77 4.71
C GLY A 175 2.88 7.08 3.69
N ASP A 176 3.44 6.65 2.57
CA ASP A 176 2.71 5.82 1.63
C ASP A 176 2.78 4.35 2.01
N SER A 177 3.66 4.02 2.96
CA SER A 177 3.87 2.66 3.47
C SER A 177 2.56 1.92 3.61
N GLY A 178 2.54 0.67 3.15
CA GLY A 178 1.39 -0.20 3.33
C GLY A 178 0.30 -0.02 2.30
N GLY A 179 0.36 1.02 1.46
CA GLY A 179 -0.69 1.31 0.50
C GLY A 179 -0.62 0.40 -0.71
N PRO A 180 -1.63 0.55 -1.57
CA PRO A 180 -1.83 -0.38 -2.69
C PRO A 180 -1.04 -0.02 -3.94
N VAL A 181 -0.65 -1.08 -4.65
CA VAL A 181 -0.20 -1.01 -6.04
C VAL A 181 -1.17 -1.89 -6.80
N VAL A 182 -2.02 -1.27 -7.62
CA VAL A 182 -3.11 -1.96 -8.31
C VAL A 182 -2.80 -1.96 -9.80
N CYS A 183 -2.87 -3.14 -10.41
CA CYS A 183 -2.57 -3.28 -11.82
C CYS A 183 -3.72 -4.07 -12.44
N SER A 184 -4.34 -3.53 -13.47
CA SER A 184 -5.42 -4.21 -14.18
C SER A 184 -6.55 -4.62 -13.22
N GLY A 185 -6.85 -3.76 -12.25
CA GLY A 185 -7.95 -3.98 -11.34
C GLY A 185 -7.69 -5.00 -10.24
N LYS A 186 -6.44 -5.38 -10.02
CA LYS A 186 -6.11 -6.34 -8.97
C LYS A 186 -4.97 -5.80 -8.11
N LEU A 187 -4.97 -6.19 -6.84
CA LEU A 187 -3.93 -5.76 -5.92
C LEU A 187 -2.68 -6.60 -6.15
N GLN A 188 -1.64 -6.00 -6.71
CA GLN A 188 -0.40 -6.71 -6.96
C GLN A 188 0.74 -6.34 -6.02
N GLY A 189 0.68 -5.18 -5.36
CA GLY A 189 1.80 -4.79 -4.52
C GLY A 189 1.37 -4.03 -3.29
N ILE A 190 2.29 -3.95 -2.35
CA ILE A 190 2.16 -3.16 -1.13
C ILE A 190 3.39 -2.27 -1.04
N VAL A 191 3.19 -0.99 -0.77
CA VAL A 191 4.31 -0.06 -0.64
C VAL A 191 5.19 -0.51 0.52
N SER A 192 6.45 -0.84 0.22
CA SER A 192 7.31 -1.50 1.21
C SER A 192 8.55 -0.69 1.55
N TRP A 193 9.48 -0.45 0.63
CA TRP A 193 10.72 0.22 1.00
C TRP A 193 11.40 0.79 -0.23
N GLY A 194 12.52 1.45 0.01
CA GLY A 194 13.33 2.01 -1.06
C GLY A 194 14.45 2.80 -0.43
N SER A 195 15.35 3.29 -1.28
CA SER A 195 16.44 4.15 -0.83
C SER A 195 16.01 5.59 -1.10
N GLY A 196 15.56 6.29 -0.06
CA GLY A 196 15.01 7.60 -0.32
C GLY A 196 13.76 7.51 -1.19
N CYS A 197 13.41 8.63 -1.79
CA CYS A 197 12.24 8.73 -2.65
C CYS A 197 12.61 9.41 -3.95
N ALA A 198 12.24 8.80 -5.06
CA ALA A 198 12.36 9.41 -6.38
C ALA A 198 13.79 9.68 -6.80
N GLN A 199 14.75 8.96 -6.22
CA GLN A 199 16.14 9.14 -6.60
C GLN A 199 16.46 8.34 -7.86
N LYS A 200 17.41 8.85 -8.63
CA LYS A 200 17.84 8.17 -9.84
C LYS A 200 18.37 6.79 -9.50
N ASN A 201 17.98 5.80 -10.31
CA ASN A 201 18.42 4.42 -10.19
C ASN A 201 17.97 3.75 -8.90
N LYS A 202 17.02 4.32 -8.18
CA LYS A 202 16.53 3.77 -6.91
C LYS A 202 15.01 3.76 -6.91
N PRO A 203 14.39 2.88 -7.70
CA PRO A 203 12.93 2.81 -7.73
C PRO A 203 12.39 2.25 -6.43
N GLY A 204 11.10 2.48 -6.22
CA GLY A 204 10.43 1.87 -5.08
C GLY A 204 10.37 0.36 -5.17
N VAL A 205 10.37 -0.27 -4.00
CA VAL A 205 10.26 -1.73 -3.85
C VAL A 205 8.94 -2.04 -3.16
N TYR A 206 8.26 -3.09 -3.63
CA TYR A 206 6.90 -3.42 -3.26
C TYR A 206 6.79 -4.90 -2.93
N THR A 207 5.98 -5.22 -1.93
CA THR A 207 5.72 -6.62 -1.62
C THR A 207 4.91 -7.25 -2.74
N LYS A 208 5.31 -8.46 -3.15
N LYS A 208 5.34 -8.44 -3.17
CA LYS A 208 4.69 -9.13 -4.30
CA LYS A 208 4.70 -9.15 -4.28
C LYS A 208 3.49 -9.95 -3.81
C LYS A 208 3.50 -9.92 -3.74
N VAL A 209 2.31 -9.32 -3.85
CA VAL A 209 1.11 -9.90 -3.25
C VAL A 209 0.75 -11.25 -3.82
N CYS A 210 1.02 -11.49 -5.11
CA CYS A 210 0.58 -12.75 -5.68
C CYS A 210 1.19 -13.96 -4.99
N ASN A 211 2.33 -13.81 -4.29
CA ASN A 211 2.94 -14.91 -3.57
C ASN A 211 2.23 -15.23 -2.27
N TYR A 212 1.29 -14.40 -1.84
CA TYR A 212 0.68 -14.50 -0.53
C TYR A 212 -0.80 -14.81 -0.57
N VAL A 213 -1.38 -15.06 -1.74
CA VAL A 213 -2.83 -15.21 -1.84
C VAL A 213 -3.31 -16.40 -1.03
N SER A 214 -2.57 -17.52 -1.05
CA SER A 214 -2.99 -18.69 -0.28
C SER A 214 -2.97 -18.40 1.21
N TRP A 215 -1.92 -17.73 1.70
CA TRP A 215 -1.86 -17.37 3.11
C TRP A 215 -2.99 -16.42 3.48
N ILE A 216 -3.25 -15.41 2.65
CA ILE A 216 -4.34 -14.47 2.94
C ILE A 216 -5.67 -15.22 3.06
N LYS A 217 -5.97 -16.06 2.06
CA LYS A 217 -7.27 -16.72 2.05
C LYS A 217 -7.42 -17.69 3.22
N GLN A 218 -6.37 -18.45 3.53
CA GLN A 218 -6.44 -19.37 4.65
C GLN A 218 -6.60 -18.63 5.97
N THR A 219 -5.92 -17.49 6.11
CA THR A 219 -5.99 -16.73 7.35
C THR A 219 -7.36 -16.14 7.55
N ILE A 220 -7.93 -15.53 6.51
CA ILE A 220 -9.27 -14.94 6.61
C ILE A 220 -10.30 -16.02 6.95
N ALA A 221 -10.13 -17.22 6.39
CA ALA A 221 -11.12 -18.28 6.57
C ALA A 221 -11.19 -18.80 7.99
N SER A 222 -10.15 -18.56 8.80
CA SER A 222 -10.06 -19.14 10.13
C SER A 222 -9.98 -18.09 11.24
N ASN A 223 -10.17 -16.82 10.91
CA ASN A 223 -10.01 -15.76 11.91
C ASN A 223 -11.15 -14.77 11.86
CA CA B . -11.88 13.06 5.72
N1 F66 C . 9.01 4.55 3.45
C4 F66 C . 10.64 5.35 2.14
C5 F66 C . 11.74 6.16 1.85
C6 F66 C . 12.23 7.00 2.82
C7 F66 C . 11.63 7.06 4.08
C8 F66 C . 10.56 6.28 4.41
C10 F66 C . 10.10 3.97 -0.02
C1 F66 C . 7.84 2.91 1.98
C11 F66 C . 9.43 4.86 -1.03
C2 F66 C . 8.89 3.92 2.22
C3 F66 C . 9.87 4.39 1.40
C9 F66 C . 10.06 5.43 3.42
N2 F66 C . 9.48 4.27 -2.38
H8 F66 C . 8.48 4.40 4.14
H4 F66 C . 12.14 6.14 0.99
H5 F66 C . 12.97 7.55 2.64
H6 F66 C . 11.98 7.65 4.73
H7 F66 C . 10.16 6.31 5.27
H9 F66 C . 9.77 3.06 -0.14
H10 F66 C . 11.07 3.96 -0.19
H1 F66 C . 7.61 2.46 2.81
H2 F66 C . 8.15 2.26 1.33
H3 F66 C . 7.03 3.35 1.64
H11 F66 C . 9.87 5.74 -1.05
H12 F66 C . 8.49 5.00 -0.78
H14 F66 C . 10.30 4.05 -2.60
H13 F66 C . 9.18 4.84 -2.98
S SO4 D . -5.32 -11.48 -12.64
O1 SO4 D . -4.37 -11.19 -11.57
O2 SO4 D . -6.41 -12.30 -12.11
O3 SO4 D . -4.64 -12.21 -13.71
O4 SO4 D . -5.86 -10.23 -13.17
#